data_6J1J
#
_entry.id   6J1J
#
_cell.length_a   69.429
_cell.length_b   141.891
_cell.length_c   170.919
_cell.angle_alpha   90.00
_cell.angle_beta   90.00
_cell.angle_gamma   90.00
#
_symmetry.space_group_name_H-M   'I 2 2 2'
#
loop_
_entity.id
_entity.type
_entity.pdbx_description
1 polymer 'Hydrogenase regulation HoxX'
2 non-polymer 'COENZYME A'
3 non-polymer (6S)-5,6,7,8-TETRAHYDROFOLATE
4 non-polymer GLYCEROL
5 water water
#
_entity_poly.entity_id   1
_entity_poly.type   'polypeptide(L)'
_entity_poly.pdbx_seq_one_letter_code
;MGSSHHHHHHSSGLVPRGSHMRILFLSYRFNSLSQRLYCELTEREHEVSVELDVHPDLTVEAAELYKPDLIIAPFLKRKI
PQEVWKKYKTLIIHPGPPGDRGPNALDWAIMKGERIWGVTLLEASEEYDAGDVWAYRTFPMRFARKASIYRNEVTEGVVE
CVLEALENFERGDFKPTPQKEHWWNPKMEQELRRVDWEQDDTKTVLRKVYASDSQPGASSKVLGKEVLLFNAYPEEELKG
KPGEVLALRDEAVCIGTRDGAVWITHMRERKKESIKLPSARVLGEFLKGVKEDPIKPWEKVDFKTYREILYEEEDGIGFI
HFNFYNGAMSTEQCYRLLETIKYAKKRPVKAIVLLGSEDFFSNGMNLNTIENAESPADESWRNINAIDDVCEEILKTPDK
LTVAGMQGNAGFGGVFLALTCDLVFAREGVVLNPHYKNFGNLYGSEFWTYTLPKRVGWEKGKEVMENRMPISSKKAFEIG
LIDGVFGKTPKEFRQRLKERIKNFINSKDFYEFIEKKKKERTSGEWLEEIQKCREHELEKMKLNFYGFDTSYHIARYYFV
RRKPHFRTPPYLAIHRRLKFSL
;
_entity_poly.pdbx_strand_id   A
#
# COMPACT_ATOMS: atom_id res chain seq x y z
N SER A 19 1.07 -31.98 10.11
CA SER A 19 2.04 -30.94 9.75
C SER A 19 1.36 -29.60 9.53
N HIS A 20 0.05 -29.63 9.25
CA HIS A 20 -0.75 -28.41 9.13
C HIS A 20 -0.93 -27.79 10.52
N MET A 21 -0.28 -26.66 10.76
CA MET A 21 -0.28 -26.06 12.09
C MET A 21 -1.45 -25.10 12.27
N ARG A 22 -1.80 -24.89 13.54
CA ARG A 22 -2.78 -23.87 13.94
C ARG A 22 -1.98 -22.74 14.57
N ILE A 23 -2.00 -21.57 13.93
CA ILE A 23 -1.10 -20.48 14.27
C ILE A 23 -1.95 -19.27 14.64
N LEU A 24 -1.57 -18.60 15.72
CA LEU A 24 -2.22 -17.36 16.16
C LEU A 24 -1.28 -16.19 15.92
N PHE A 25 -1.76 -15.19 15.16
CA PHE A 25 -1.06 -13.92 15.03
C PHE A 25 -1.52 -12.97 16.13
N LEU A 26 -0.56 -12.27 16.74
CA LEU A 26 -0.83 -11.12 17.60
C LEU A 26 -0.27 -9.88 16.91
N SER A 27 -1.16 -8.96 16.52
CA SER A 27 -0.78 -7.77 15.76
C SER A 27 -1.48 -6.55 16.31
N TYR A 28 -0.76 -5.43 16.37
CA TYR A 28 -1.38 -4.16 16.75
C TYR A 28 -2.44 -3.75 15.73
N ARG A 29 -2.13 -3.93 14.45
CA ARG A 29 -3.05 -3.78 13.33
C ARG A 29 -2.80 -4.94 12.37
N PHE A 30 -3.81 -5.29 11.59
CA PHE A 30 -3.63 -6.29 10.53
C PHE A 30 -2.97 -5.60 9.32
N ASN A 31 -1.68 -5.29 9.48
CA ASN A 31 -0.94 -4.43 8.57
C ASN A 31 -0.37 -5.21 7.39
N SER A 32 0.40 -4.53 6.52
CA SER A 32 0.83 -5.16 5.27
C SER A 32 1.66 -6.41 5.56
N LEU A 33 2.57 -6.33 6.53
CA LEU A 33 3.38 -7.50 6.85
C LEU A 33 2.51 -8.64 7.41
N SER A 34 1.60 -8.31 8.33
CA SER A 34 0.70 -9.35 8.85
C SER A 34 -0.08 -10.02 7.72
N GLN A 35 -0.60 -9.22 6.78
CA GLN A 35 -1.36 -9.77 5.65
C GLN A 35 -0.50 -10.67 4.76
N ARG A 36 0.70 -10.19 4.38
CA ARG A 36 1.60 -11.02 3.59
C ARG A 36 1.87 -12.35 4.27
N LEU A 37 2.21 -12.32 5.57
CA LEU A 37 2.46 -13.57 6.29
C LEU A 37 1.21 -14.44 6.34
N TYR A 38 0.03 -13.81 6.49
CA TYR A 38 -1.20 -14.59 6.48
C TYR A 38 -1.34 -15.35 5.18
N CYS A 39 -1.09 -14.68 4.04
CA CYS A 39 -1.15 -15.38 2.76
C CYS A 39 -0.14 -16.51 2.68
N GLU A 40 1.11 -16.24 3.07
CA GLU A 40 2.15 -17.25 2.95
C GLU A 40 1.83 -18.48 3.81
N LEU A 41 1.25 -18.28 5.00
CA LEU A 41 1.03 -19.47 5.84
C LEU A 41 -0.22 -20.23 5.42
N THR A 42 -1.32 -19.52 5.15
CA THR A 42 -2.56 -20.21 4.83
C THR A 42 -2.51 -20.86 3.46
N GLU A 43 -1.74 -20.30 2.53
CA GLU A 43 -1.63 -20.95 1.23
C GLU A 43 -0.71 -22.16 1.29
N ARG A 44 0.01 -22.34 2.41
CA ARG A 44 0.69 -23.60 2.72
C ARG A 44 -0.16 -24.49 3.62
N GLU A 45 -1.45 -24.20 3.74
CA GLU A 45 -2.45 -25.06 4.40
C GLU A 45 -2.31 -25.09 5.91
N HIS A 46 -1.66 -24.10 6.49
CA HIS A 46 -1.80 -23.82 7.92
C HIS A 46 -3.04 -22.97 8.16
N GLU A 47 -3.63 -23.10 9.34
CA GLU A 47 -4.71 -22.22 9.74
C GLU A 47 -4.12 -21.05 10.53
N VAL A 48 -4.53 -19.84 10.19
CA VAL A 48 -4.06 -18.65 10.88
C VAL A 48 -5.27 -17.90 11.43
N SER A 49 -5.29 -17.71 12.75
CA SER A 49 -6.24 -16.84 13.42
C SER A 49 -5.49 -15.61 13.90
N VAL A 50 -6.16 -14.47 13.89
CA VAL A 50 -5.57 -13.19 14.25
C VAL A 50 -6.30 -12.63 15.47
N GLU A 51 -5.54 -12.19 16.47
CA GLU A 51 -6.05 -11.39 17.57
C GLU A 51 -5.35 -10.03 17.52
N LEU A 52 -6.14 -8.96 17.36
CA LEU A 52 -5.56 -7.63 17.42
C LEU A 52 -5.23 -7.28 18.88
N ASP A 53 -4.21 -6.44 19.06
CA ASP A 53 -3.77 -6.15 20.43
C ASP A 53 -4.68 -5.09 21.04
N VAL A 54 -5.72 -5.55 21.75
CA VAL A 54 -6.70 -4.66 22.36
C VAL A 54 -6.43 -4.51 23.85
N HIS A 55 -6.25 -5.63 24.56
CA HIS A 55 -6.09 -5.62 26.00
C HIS A 55 -5.35 -6.89 26.38
N PRO A 56 -4.40 -6.85 27.31
CA PRO A 56 -3.70 -8.09 27.70
C PRO A 56 -4.63 -9.20 28.14
N ASP A 57 -5.71 -8.86 28.86
CA ASP A 57 -6.70 -9.86 29.26
C ASP A 57 -7.37 -10.50 28.05
N LEU A 58 -7.65 -9.72 27.00
CA LEU A 58 -8.19 -10.30 25.78
C LEU A 58 -7.17 -11.20 25.07
N THR A 59 -5.90 -10.84 25.11
CA THR A 59 -4.86 -11.69 24.51
C THR A 59 -4.71 -13.01 25.27
N VAL A 60 -4.78 -12.98 26.60
CA VAL A 60 -4.76 -14.23 27.37
C VAL A 60 -5.93 -15.11 26.96
N GLU A 61 -7.13 -14.54 26.89
CA GLU A 61 -8.31 -15.32 26.51
C GLU A 61 -8.15 -15.88 25.10
N ALA A 62 -7.67 -15.06 24.16
CA ALA A 62 -7.50 -15.51 22.77
C ALA A 62 -6.66 -16.77 22.71
N ALA A 63 -5.53 -16.78 23.40
CA ALA A 63 -4.64 -17.94 23.34
C ALA A 63 -5.23 -19.13 24.07
N GLU A 64 -6.07 -18.92 25.09
CA GLU A 64 -6.68 -20.07 25.76
C GLU A 64 -7.86 -20.61 24.98
N LEU A 65 -8.56 -19.76 24.22
CA LEU A 65 -9.60 -20.23 23.33
C LEU A 65 -9.01 -21.01 22.15
N TYR A 66 -8.01 -20.43 21.50
CA TYR A 66 -7.54 -20.98 20.24
C TYR A 66 -6.54 -22.11 20.44
N LYS A 67 -5.82 -22.09 21.57
CA LYS A 67 -4.77 -23.05 21.88
C LYS A 67 -3.86 -23.27 20.67
N PRO A 68 -3.15 -22.24 20.23
CA PRO A 68 -2.32 -22.36 19.02
C PRO A 68 -1.15 -23.33 19.21
N ASP A 69 -0.70 -23.91 18.08
CA ASP A 69 0.56 -24.63 18.10
C ASP A 69 1.72 -23.67 18.28
N LEU A 70 1.59 -22.48 17.70
CA LEU A 70 2.64 -21.47 17.69
C LEU A 70 1.97 -20.10 17.59
N ILE A 71 2.54 -19.10 18.27
CA ILE A 71 2.11 -17.71 18.18
C ILE A 71 3.19 -16.91 17.46
N ILE A 72 2.77 -16.08 16.49
CA ILE A 72 3.67 -15.16 15.78
C ILE A 72 3.15 -13.74 15.98
N ALA A 73 4.05 -12.83 16.34
CA ALA A 73 3.71 -11.42 16.56
C ALA A 73 4.37 -10.59 15.47
N PRO A 74 3.71 -10.42 14.32
CA PRO A 74 4.38 -9.70 13.21
C PRO A 74 4.61 -8.23 13.51
N PHE A 75 3.76 -7.62 14.33
CA PHE A 75 3.73 -6.17 14.47
C PHE A 75 3.05 -5.84 15.78
N LEU A 76 3.81 -5.42 16.79
CA LEU A 76 3.26 -5.26 18.12
C LEU A 76 4.02 -4.15 18.83
N LYS A 77 3.30 -3.36 19.64
CA LYS A 77 3.88 -2.17 20.25
C LYS A 77 3.97 -2.25 21.76
N ARG A 78 3.65 -3.40 22.36
CA ARG A 78 3.74 -3.53 23.81
C ARG A 78 3.89 -5.01 24.15
N LYS A 79 4.16 -5.27 25.42
CA LYS A 79 4.58 -6.60 25.83
C LYS A 79 3.44 -7.59 25.82
N ILE A 80 3.69 -8.76 25.26
CA ILE A 80 2.83 -9.94 25.41
C ILE A 80 2.87 -10.40 26.87
N PRO A 81 1.72 -10.64 27.50
CA PRO A 81 1.77 -11.07 28.91
C PRO A 81 2.44 -12.43 29.07
N GLN A 82 3.15 -12.58 30.19
CA GLN A 82 3.93 -13.80 30.45
C GLN A 82 3.05 -15.04 30.47
N GLU A 83 1.82 -14.92 30.98
CA GLU A 83 0.91 -16.07 30.97
C GLU A 83 0.75 -16.67 29.58
N VAL A 84 0.90 -15.86 28.54
CA VAL A 84 0.74 -16.35 27.18
C VAL A 84 2.03 -16.98 26.66
N TRP A 85 3.15 -16.24 26.71
CA TRP A 85 4.35 -16.77 26.08
C TRP A 85 5.11 -17.78 26.94
N LYS A 86 4.74 -17.97 28.20
CA LYS A 86 5.27 -19.13 28.93
C LYS A 86 4.51 -20.42 28.63
N LYS A 87 3.29 -20.32 28.11
CA LYS A 87 2.45 -21.49 27.84
C LYS A 87 2.47 -21.92 26.38
N TYR A 88 2.51 -20.96 25.45
CA TYR A 88 2.49 -21.20 24.02
C TYR A 88 3.74 -20.58 23.40
N LYS A 89 4.45 -21.35 22.58
CA LYS A 89 5.66 -20.86 21.93
C LYS A 89 5.35 -19.64 21.08
N THR A 90 6.02 -18.52 21.39
CA THR A 90 5.71 -17.20 20.83
C THR A 90 6.95 -16.59 20.20
N LEU A 91 6.87 -16.26 18.91
CA LEU A 91 7.98 -15.70 18.16
C LEU A 91 7.62 -14.30 17.68
N ILE A 92 8.54 -13.36 17.89
CA ILE A 92 8.31 -11.94 17.67
C ILE A 92 9.19 -11.45 16.52
N ILE A 93 8.60 -10.69 15.60
CA ILE A 93 9.34 -10.08 14.49
C ILE A 93 10.03 -8.83 15.01
N HIS A 94 11.32 -8.68 14.73
CA HIS A 94 11.99 -7.42 14.97
C HIS A 94 12.61 -6.89 13.68
N PRO A 95 12.26 -5.66 13.23
CA PRO A 95 12.79 -5.14 11.97
C PRO A 95 14.20 -4.56 12.11
N GLY A 96 15.10 -5.35 12.68
CA GLY A 96 16.51 -5.05 12.79
C GLY A 96 17.32 -6.32 12.94
N PRO A 97 18.64 -6.23 12.77
CA PRO A 97 19.49 -7.44 12.84
C PRO A 97 19.63 -7.93 14.27
N PRO A 98 20.15 -9.15 14.48
CA PRO A 98 20.24 -9.69 15.84
C PRO A 98 20.97 -8.74 16.79
N GLY A 99 20.43 -8.62 18.00
CA GLY A 99 20.97 -7.71 18.99
C GLY A 99 20.36 -6.32 18.99
N ASP A 100 19.74 -5.90 17.90
CA ASP A 100 19.07 -4.61 17.89
C ASP A 100 17.77 -4.72 18.67
N ARG A 101 17.53 -3.75 19.56
CA ARG A 101 16.36 -3.78 20.43
C ARG A 101 15.72 -2.40 20.48
N GLY A 102 14.40 -2.38 20.59
CA GLY A 102 13.68 -1.13 20.67
C GLY A 102 12.51 -1.04 19.70
N PRO A 103 11.67 -0.02 19.91
CA PRO A 103 10.41 0.09 19.14
C PRO A 103 10.54 0.75 17.77
N ASN A 104 11.64 1.41 17.47
CA ASN A 104 11.78 2.19 16.23
C ASN A 104 13.05 1.80 15.46
N ALA A 105 13.27 0.49 15.26
CA ALA A 105 14.53 0.01 14.69
C ALA A 105 14.83 0.64 13.33
N LEU A 106 13.83 0.68 12.45
CA LEU A 106 14.04 1.24 11.12
C LEU A 106 14.22 2.75 11.15
N ASP A 107 13.47 3.46 12.00
CA ASP A 107 13.68 4.90 12.15
C ASP A 107 15.14 5.20 12.46
N TRP A 108 15.72 4.46 13.41
CA TRP A 108 17.09 4.73 13.82
C TRP A 108 18.07 4.31 12.73
N ALA A 109 17.82 3.17 12.09
CA ALA A 109 18.68 2.72 10.99
C ALA A 109 18.77 3.77 9.89
N ILE A 110 17.63 4.38 9.54
CA ILE A 110 17.62 5.40 8.50
C ILE A 110 18.29 6.68 9.01
N MET A 111 17.92 7.12 10.22
CA MET A 111 18.48 8.37 10.75
C MET A 111 19.99 8.27 10.91
N LYS A 112 20.48 7.11 11.29
CA LYS A 112 21.92 6.90 11.45
C LYS A 112 22.63 6.60 10.13
N GLY A 113 21.90 6.43 9.03
CA GLY A 113 22.53 6.10 7.76
C GLY A 113 23.22 4.74 7.70
N GLU A 114 22.65 3.73 8.37
CA GLU A 114 23.18 2.37 8.34
C GLU A 114 23.25 1.84 6.92
N ARG A 115 24.42 1.28 6.56
CA ARG A 115 24.61 0.73 5.21
C ARG A 115 23.93 -0.63 5.05
N ILE A 116 24.06 -1.47 6.07
CA ILE A 116 23.51 -2.82 6.11
C ILE A 116 22.48 -2.85 7.21
N TRP A 117 21.37 -3.56 7.00
CA TRP A 117 20.38 -3.76 8.07
C TRP A 117 19.90 -5.21 8.03
N GLY A 118 18.81 -5.52 8.73
CA GLY A 118 18.33 -6.89 8.74
C GLY A 118 17.01 -7.00 9.48
N VAL A 119 16.54 -8.24 9.57
CA VAL A 119 15.36 -8.58 10.35
C VAL A 119 15.70 -9.79 11.21
N THR A 120 15.01 -9.92 12.34
CA THR A 120 15.25 -11.02 13.27
C THR A 120 13.92 -11.57 13.75
N LEU A 121 13.83 -12.89 13.86
CA LEU A 121 12.74 -13.57 14.53
C LEU A 121 13.26 -14.10 15.86
N LEU A 122 12.73 -13.58 16.97
CA LEU A 122 13.22 -13.95 18.29
C LEU A 122 12.08 -14.40 19.19
N GLU A 123 12.45 -15.15 20.23
CA GLU A 123 11.51 -15.68 21.18
C GLU A 123 11.03 -14.61 22.14
N ALA A 124 9.76 -14.69 22.53
CA ALA A 124 9.25 -13.81 23.57
C ALA A 124 10.01 -14.03 24.89
N SER A 125 10.21 -12.94 25.61
CA SER A 125 10.88 -12.96 26.90
C SER A 125 10.34 -11.80 27.73
N GLU A 126 10.82 -11.69 28.96
CA GLU A 126 10.34 -10.62 29.84
C GLU A 126 10.95 -9.27 29.47
N GLU A 127 12.15 -9.25 28.90
CA GLU A 127 12.80 -8.02 28.48
C GLU A 127 12.63 -7.82 26.97
N TYR A 128 12.26 -6.60 26.58
CA TYR A 128 11.98 -6.26 25.19
C TYR A 128 13.11 -6.69 24.25
N ASP A 129 12.78 -7.52 23.25
CA ASP A 129 13.65 -7.84 22.13
C ASP A 129 14.95 -8.51 22.59
N ALA A 130 14.89 -9.19 23.73
CA ALA A 130 16.05 -9.85 24.32
C ALA A 130 16.01 -11.36 24.19
N GLY A 131 14.92 -11.93 23.64
CA GLY A 131 14.81 -13.37 23.53
C GLY A 131 15.79 -14.00 22.55
N ASP A 132 15.92 -15.31 22.66
CA ASP A 132 16.82 -16.07 21.79
C ASP A 132 16.36 -16.00 20.34
N VAL A 133 17.32 -16.09 19.43
CA VAL A 133 17.09 -15.87 18.00
C VAL A 133 16.74 -17.18 17.31
N TRP A 134 15.60 -17.20 16.62
CA TRP A 134 15.16 -18.33 15.80
C TRP A 134 15.64 -18.24 14.34
N ALA A 135 15.67 -17.03 13.77
CA ALA A 135 16.15 -16.83 12.41
C ALA A 135 16.42 -15.34 12.22
N TYR A 136 17.23 -15.03 11.20
CA TYR A 136 17.51 -13.64 10.84
C TYR A 136 17.98 -13.61 9.39
N ARG A 137 17.77 -12.47 8.74
CA ARG A 137 18.33 -12.18 7.43
C ARG A 137 18.89 -10.76 7.46
N THR A 138 19.93 -10.54 6.68
CA THR A 138 20.51 -9.22 6.50
C THR A 138 20.38 -8.83 5.03
N PHE A 139 20.41 -7.52 4.78
CA PHE A 139 20.29 -6.97 3.44
C PHE A 139 20.90 -5.59 3.42
N PRO A 140 21.33 -5.11 2.25
CA PRO A 140 21.79 -3.73 2.17
C PRO A 140 20.62 -2.75 2.23
N MET A 141 20.84 -1.64 2.93
CA MET A 141 19.82 -0.60 2.99
C MET A 141 19.77 0.19 1.69
N ARG A 142 18.57 0.67 1.35
CA ARG A 142 18.40 1.68 0.32
C ARG A 142 18.16 3.02 1.00
N PHE A 143 18.51 4.10 0.32
CA PHE A 143 18.15 5.43 0.82
C PHE A 143 16.72 5.68 0.35
N ALA A 144 15.75 5.37 1.22
CA ALA A 144 14.35 5.38 0.80
C ALA A 144 13.44 5.48 2.03
N ARG A 145 12.15 5.75 1.78
CA ARG A 145 11.16 5.85 2.87
C ARG A 145 11.18 4.61 3.74
N LYS A 146 10.93 4.80 5.05
CA LYS A 146 10.83 3.68 5.97
C LYS A 146 9.81 2.65 5.47
N ALA A 147 8.63 3.12 5.06
CA ALA A 147 7.59 2.21 4.60
C ALA A 147 8.04 1.39 3.39
N SER A 148 8.90 1.96 2.53
CA SER A 148 9.38 1.20 1.39
C SER A 148 10.34 0.10 1.82
N ILE A 149 11.24 0.39 2.74
CA ILE A 149 12.10 -0.66 3.28
C ILE A 149 11.24 -1.72 3.98
N TYR A 150 10.22 -1.28 4.70
CA TYR A 150 9.42 -2.22 5.49
C TYR A 150 8.65 -3.17 4.60
N ARG A 151 8.04 -2.63 3.52
CA ARG A 151 7.20 -3.39 2.60
C ARG A 151 7.98 -4.27 1.64
N ASN A 152 9.30 -4.08 1.51
CA ASN A 152 10.06 -4.83 0.52
C ASN A 152 11.11 -5.67 1.22
N GLU A 153 12.26 -5.07 1.55
CA GLU A 153 13.36 -5.84 2.15
C GLU A 153 12.96 -6.49 3.47
N VAL A 154 12.32 -5.74 4.35
CA VAL A 154 11.96 -6.27 5.66
C VAL A 154 10.95 -7.40 5.50
N THR A 155 9.90 -7.15 4.71
CA THR A 155 8.84 -8.14 4.54
C THR A 155 9.38 -9.43 3.93
N GLU A 156 10.17 -9.32 2.85
CA GLU A 156 10.69 -10.52 2.23
C GLU A 156 11.58 -11.30 3.20
N GLY A 157 12.41 -10.59 3.97
CA GLY A 157 13.24 -11.27 4.96
C GLY A 157 12.43 -11.92 6.06
N VAL A 158 11.38 -11.25 6.52
CA VAL A 158 10.51 -11.84 7.53
C VAL A 158 9.87 -13.11 7.01
N VAL A 159 9.37 -13.07 5.77
CA VAL A 159 8.76 -14.28 5.20
C VAL A 159 9.76 -15.43 5.24
N GLU A 160 11.00 -15.18 4.85
CA GLU A 160 12.01 -16.25 4.90
C GLU A 160 12.22 -16.75 6.33
N CYS A 161 12.36 -15.83 7.30
CA CYS A 161 12.60 -16.24 8.68
C CYS A 161 11.45 -17.07 9.21
N VAL A 162 10.21 -16.64 8.95
CA VAL A 162 9.05 -17.33 9.51
C VAL A 162 8.93 -18.73 8.91
N LEU A 163 9.13 -18.87 7.60
CA LEU A 163 9.05 -20.19 6.97
C LEU A 163 10.16 -21.11 7.48
N GLU A 164 11.35 -20.55 7.71
CA GLU A 164 12.43 -21.34 8.29
C GLU A 164 12.10 -21.76 9.71
N ALA A 165 11.57 -20.83 10.52
CA ALA A 165 11.23 -21.17 11.91
C ALA A 165 10.14 -22.23 11.97
N LEU A 166 9.17 -22.17 11.06
CA LEU A 166 8.12 -23.17 10.99
C LEU A 166 8.70 -24.56 10.78
N GLU A 167 9.57 -24.71 9.78
CA GLU A 167 10.17 -26.02 9.52
C GLU A 167 10.99 -26.50 10.71
N ASN A 168 11.71 -25.58 11.36
CA ASN A 168 12.46 -25.92 12.55
C ASN A 168 11.55 -26.28 13.73
N PHE A 169 10.39 -25.62 13.84
CA PHE A 169 9.44 -25.97 14.89
C PHE A 169 8.88 -27.38 14.68
N GLU A 170 8.46 -27.70 13.46
CA GLU A 170 7.97 -29.04 13.17
C GLU A 170 9.06 -30.09 13.36
N ARG A 171 10.32 -29.71 13.13
CA ARG A 171 11.41 -30.66 13.33
CA ARG A 171 11.43 -30.64 13.33
C ARG A 171 11.49 -31.12 14.78
N GLY A 172 11.22 -30.22 15.73
CA GLY A 172 11.07 -30.56 17.13
C GLY A 172 12.28 -30.37 18.00
N ASP A 173 13.49 -30.44 17.45
CA ASP A 173 14.70 -30.44 18.26
C ASP A 173 15.40 -29.09 18.28
N PHE A 174 14.76 -28.04 17.79
CA PHE A 174 15.48 -26.80 17.51
C PHE A 174 15.84 -26.05 18.79
N LYS A 175 17.08 -25.57 18.82
CA LYS A 175 17.56 -24.71 19.91
C LYS A 175 17.89 -23.33 19.35
N PRO A 176 17.14 -22.29 19.68
CA PRO A 176 17.51 -20.94 19.24
C PRO A 176 18.82 -20.50 19.85
N THR A 177 19.39 -19.43 19.26
CA THR A 177 20.68 -18.91 19.70
C THR A 177 20.48 -17.71 20.61
N PRO A 178 20.96 -17.75 21.85
CA PRO A 178 20.87 -16.54 22.70
C PRO A 178 21.65 -15.39 22.08
N GLN A 179 21.20 -14.17 22.36
CA GLN A 179 21.90 -12.99 21.86
C GLN A 179 23.19 -12.76 22.63
N LYS A 180 24.16 -12.14 21.94
CA LYS A 180 25.43 -11.76 22.55
C LYS A 180 25.53 -10.24 22.61
N GLU A 181 26.12 -9.63 21.58
CA GLU A 181 26.11 -8.18 21.51
C GLU A 181 24.67 -7.70 21.37
N HIS A 182 24.39 -6.54 21.95
CA HIS A 182 23.07 -5.95 21.81
C HIS A 182 23.16 -4.46 22.03
N TRP A 183 22.18 -3.74 21.51
CA TRP A 183 22.08 -2.31 21.72
C TRP A 183 20.61 -1.93 21.79
N TRP A 184 20.34 -0.84 22.49
CA TRP A 184 18.98 -0.36 22.68
C TRP A 184 18.82 1.01 22.05
N ASN A 185 17.77 1.16 21.26
CA ASN A 185 17.37 2.46 20.73
C ASN A 185 15.95 2.75 21.22
N PRO A 186 15.74 3.82 21.95
CA PRO A 186 14.41 4.11 22.50
C PRO A 186 13.49 4.67 21.41
N LYS A 187 12.23 4.89 21.80
CA LYS A 187 11.31 5.58 20.91
C LYS A 187 11.92 6.92 20.50
N MET A 188 11.96 7.17 19.20
CA MET A 188 12.60 8.38 18.70
C MET A 188 11.69 9.60 18.94
N GLU A 189 12.26 10.67 19.47
CA GLU A 189 11.49 11.88 19.75
C GLU A 189 11.37 12.77 18.53
N GLN A 190 10.31 13.59 18.52
CA GLN A 190 10.09 14.47 17.37
C GLN A 190 11.23 15.49 17.22
N GLU A 191 11.90 15.87 18.31
CA GLU A 191 13.00 16.82 18.19
C GLU A 191 14.11 16.28 17.30
N LEU A 192 14.28 14.95 17.25
CA LEU A 192 15.30 14.36 16.38
C LEU A 192 14.88 14.36 14.91
N ARG A 193 13.58 14.33 14.63
CA ARG A 193 13.08 14.32 13.27
C ARG A 193 12.93 15.71 12.67
N ARG A 194 13.02 16.75 13.49
CA ARG A 194 12.55 18.07 13.09
C ARG A 194 13.42 18.67 12.00
N VAL A 195 12.77 19.15 10.95
CA VAL A 195 13.45 19.72 9.80
C VAL A 195 13.70 21.20 10.05
N ASP A 196 14.97 21.61 10.03
CA ASP A 196 15.38 23.01 10.11
C ASP A 196 15.89 23.39 8.72
N TRP A 197 15.08 24.14 7.96
CA TRP A 197 15.41 24.40 6.56
C TRP A 197 16.72 25.17 6.43
N GLU A 198 17.05 26.02 7.42
CA GLU A 198 18.27 26.81 7.33
C GLU A 198 19.51 25.96 7.59
N GLN A 199 19.39 24.89 8.37
CA GLN A 199 20.55 24.10 8.76
C GLN A 199 20.64 22.75 8.05
N ASP A 200 19.56 22.27 7.45
CA ASP A 200 19.51 20.94 6.86
C ASP A 200 19.60 21.04 5.35
N ASP A 201 20.63 20.42 4.77
CA ASP A 201 20.68 20.32 3.32
C ASP A 201 19.59 19.35 2.83
N THR A 202 19.48 19.21 1.52
CA THR A 202 18.41 18.38 0.97
C THR A 202 18.55 16.93 1.43
N LYS A 203 19.78 16.41 1.47
CA LYS A 203 19.98 15.03 1.89
C LYS A 203 19.50 14.80 3.32
N THR A 204 19.69 15.79 4.20
CA THR A 204 19.26 15.66 5.58
C THR A 204 17.74 15.71 5.70
N VAL A 205 17.11 16.62 4.94
CA VAL A 205 15.65 16.68 4.94
C VAL A 205 15.07 15.34 4.48
N LEU A 206 15.61 14.79 3.38
CA LEU A 206 15.15 13.49 2.92
C LEU A 206 15.31 12.42 4.00
N ARG A 207 16.49 12.39 4.64
CA ARG A 207 16.73 11.38 5.67
C ARG A 207 15.71 11.48 6.80
N LYS A 208 15.44 12.71 7.26
CA LYS A 208 14.49 12.87 8.36
C LYS A 208 13.07 12.48 7.95
N VAL A 209 12.63 12.89 6.75
CA VAL A 209 11.28 12.55 6.32
C VAL A 209 11.17 11.05 6.05
N TYR A 210 12.16 10.48 5.34
CA TYR A 210 12.20 9.03 5.10
C TYR A 210 12.04 8.23 6.38
N ALA A 211 12.79 8.62 7.41
CA ALA A 211 12.80 7.86 8.65
C ALA A 211 11.46 7.92 9.36
N SER A 212 10.59 8.84 8.92
CA SER A 212 9.35 9.17 9.61
C SER A 212 8.13 8.92 8.74
N ASP A 213 8.29 8.18 7.66
CA ASP A 213 7.26 8.04 6.62
C ASP A 213 7.05 6.54 6.44
N SER A 214 5.84 6.05 6.72
CA SER A 214 4.60 6.84 6.76
C SER A 214 4.14 7.31 8.14
N GLN A 215 4.80 6.84 9.18
CA GLN A 215 4.52 7.35 10.51
C GLN A 215 5.84 7.59 11.22
N PRO A 216 5.93 8.61 12.07
CA PRO A 216 4.88 9.55 12.50
C PRO A 216 4.94 10.92 11.81
N GLY A 217 5.75 11.05 10.77
CA GLY A 217 6.02 12.33 10.12
C GLY A 217 7.17 13.07 10.78
N ALA A 218 7.84 13.90 9.99
CA ALA A 218 8.90 14.77 10.48
C ALA A 218 8.31 16.16 10.78
N SER A 219 8.38 16.59 12.03
CA SER A 219 7.85 17.89 12.39
C SER A 219 8.67 18.99 11.73
N SER A 220 8.01 20.12 11.47
CA SER A 220 8.65 21.28 10.88
C SER A 220 7.71 22.47 11.00
N LYS A 221 8.23 23.65 10.64
CA LYS A 221 7.44 24.86 10.52
C LYS A 221 7.53 25.31 9.07
N VAL A 222 6.38 25.36 8.39
CA VAL A 222 6.27 25.86 7.04
C VAL A 222 5.30 27.03 7.05
N LEU A 223 5.73 28.17 6.53
CA LEU A 223 4.94 29.41 6.52
C LEU A 223 4.32 29.68 7.88
N GLY A 224 5.12 29.49 8.93
CA GLY A 224 4.67 29.78 10.28
C GLY A 224 3.70 28.79 10.87
N LYS A 225 3.47 27.67 10.22
CA LYS A 225 2.52 26.65 10.67
C LYS A 225 3.29 25.41 11.10
N GLU A 226 2.94 24.89 12.28
CA GLU A 226 3.49 23.62 12.75
C GLU A 226 2.82 22.48 12.00
N VAL A 227 3.63 21.69 11.30
CA VAL A 227 3.12 20.60 10.47
C VAL A 227 4.00 19.37 10.70
N LEU A 228 3.51 18.24 10.23
CA LEU A 228 4.31 17.04 10.05
C LEU A 228 4.47 16.80 8.55
N LEU A 229 5.67 16.42 8.13
CA LEU A 229 6.00 16.27 6.71
C LEU A 229 6.00 14.80 6.33
N PHE A 230 5.54 14.53 5.11
CA PHE A 230 5.55 13.17 4.55
C PHE A 230 5.87 13.23 3.07
N ASN A 231 6.54 12.18 2.58
CA ASN A 231 6.70 11.93 1.14
C ASN A 231 7.52 13.06 0.49
N ALA A 232 8.81 13.01 0.76
CA ALA A 232 9.75 13.99 0.26
C ALA A 232 10.43 13.50 -1.01
N TYR A 233 10.82 14.45 -1.87
CA TYR A 233 11.53 14.21 -3.12
C TYR A 233 12.50 15.37 -3.34
N PRO A 234 13.74 15.08 -3.72
CA PRO A 234 14.67 16.17 -4.01
C PRO A 234 14.25 16.96 -5.24
N GLU A 235 14.58 18.25 -5.23
CA GLU A 235 14.39 19.15 -6.37
C GLU A 235 15.74 19.74 -6.77
N GLU A 236 16.08 19.64 -8.05
CA GLU A 236 17.39 20.05 -8.53
C GLU A 236 17.39 21.32 -9.36
N GLU A 237 16.24 21.76 -9.85
CA GLU A 237 16.14 23.00 -10.63
C GLU A 237 15.77 24.19 -9.76
N LEU A 238 14.57 24.17 -9.16
CA LEU A 238 14.14 25.30 -8.35
C LEU A 238 15.08 25.50 -7.16
N LYS A 239 15.97 26.48 -7.25
CA LYS A 239 16.82 26.89 -6.15
C LYS A 239 16.33 28.25 -5.64
N GLY A 240 15.88 28.31 -4.39
CA GLY A 240 15.36 29.52 -3.80
C GLY A 240 16.06 29.82 -2.49
N LYS A 241 15.29 30.32 -1.50
CA LYS A 241 15.87 30.54 -0.18
C LYS A 241 15.37 29.50 0.81
N PRO A 242 16.24 29.02 1.73
CA PRO A 242 15.83 28.09 2.77
C PRO A 242 14.48 28.39 3.40
N GLY A 243 13.53 27.47 3.25
CA GLY A 243 12.23 27.59 3.86
C GLY A 243 11.16 28.27 3.03
N GLU A 244 11.54 28.91 1.91
CA GLU A 244 10.57 29.61 1.08
C GLU A 244 9.82 28.58 0.21
N VAL A 245 8.49 28.58 0.33
CA VAL A 245 7.66 27.77 -0.55
C VAL A 245 7.88 28.25 -1.97
N LEU A 246 8.66 27.50 -2.75
CA LEU A 246 9.03 27.93 -4.08
C LEU A 246 7.92 27.69 -5.09
N ALA A 247 7.21 26.57 -4.99
CA ALA A 247 6.28 26.20 -6.05
C ALA A 247 5.23 25.24 -5.50
N LEU A 248 4.18 25.10 -6.30
CA LEU A 248 3.06 24.19 -6.06
C LEU A 248 2.94 23.31 -7.30
N ARG A 249 2.84 21.99 -7.10
CA ARG A 249 2.66 21.08 -8.24
C ARG A 249 1.78 19.92 -7.77
N ASP A 250 0.55 19.87 -8.27
CA ASP A 250 -0.39 18.81 -7.95
C ASP A 250 -0.57 18.68 -6.43
N GLU A 251 -0.74 19.83 -5.78
CA GLU A 251 -0.97 19.99 -4.34
C GLU A 251 0.25 19.69 -3.48
N ALA A 252 1.36 19.24 -4.07
CA ALA A 252 2.64 19.19 -3.38
C ALA A 252 3.30 20.56 -3.40
N VAL A 253 4.08 20.85 -2.36
CA VAL A 253 4.83 22.10 -2.29
C VAL A 253 6.32 21.79 -2.33
N CYS A 254 7.08 22.70 -2.94
CA CYS A 254 8.53 22.64 -3.01
C CYS A 254 9.11 23.70 -2.08
N ILE A 255 10.01 23.28 -1.19
CA ILE A 255 10.51 24.12 -0.11
C ILE A 255 12.03 24.21 -0.21
N GLY A 256 12.56 25.43 -0.08
CA GLY A 256 13.99 25.61 -0.16
C GLY A 256 14.68 25.03 1.07
N THR A 257 15.81 24.36 0.84
CA THR A 257 16.64 23.83 1.91
C THR A 257 17.94 24.62 1.98
N ARG A 258 18.88 24.12 2.78
CA ARG A 258 20.15 24.80 2.94
CA ARG A 258 20.15 24.82 2.94
C ARG A 258 20.91 24.88 1.62
N ASP A 259 20.86 23.81 0.83
CA ASP A 259 21.64 23.74 -0.41
C ASP A 259 20.79 23.47 -1.64
N GLY A 260 19.47 23.49 -1.52
CA GLY A 260 18.65 23.25 -2.68
C GLY A 260 17.17 23.39 -2.39
N ALA A 261 16.44 22.30 -2.56
CA ALA A 261 15.00 22.33 -2.38
C ALA A 261 14.50 20.89 -2.33
N VAL A 262 13.34 20.72 -1.68
CA VAL A 262 12.69 19.41 -1.59
CA VAL A 262 12.69 19.41 -1.55
C VAL A 262 11.20 19.60 -1.77
N TRP A 263 10.58 18.66 -2.48
CA TRP A 263 9.12 18.58 -2.55
C TRP A 263 8.60 17.84 -1.35
N ILE A 264 7.50 18.32 -0.79
CA ILE A 264 6.76 17.63 0.26
C ILE A 264 5.32 17.48 -0.23
N THR A 265 4.88 16.24 -0.48
CA THR A 265 3.56 16.09 -1.10
C THR A 265 2.41 16.07 -0.08
N HIS A 266 2.65 15.58 1.14
CA HIS A 266 1.60 15.46 2.13
C HIS A 266 2.07 16.01 3.48
N MET A 267 1.11 16.53 4.24
CA MET A 267 1.37 17.08 5.56
C MET A 267 0.24 16.69 6.49
N ARG A 268 0.44 16.98 7.76
CA ARG A 268 -0.59 16.79 8.76
C ARG A 268 -0.42 17.92 9.76
N GLU A 269 -1.53 18.53 10.18
CA GLU A 269 -1.44 19.51 11.24
C GLU A 269 -0.89 18.87 12.50
N ARG A 270 -0.10 19.63 13.25
CA ARG A 270 0.53 19.11 14.46
C ARG A 270 -0.52 19.12 15.59
N LYS A 271 -1.53 18.26 15.42
CA LYS A 271 -2.67 18.18 16.32
C LYS A 271 -3.08 16.72 16.47
N LYS A 272 -3.86 16.44 17.52
CA LYS A 272 -4.31 15.08 17.76
C LYS A 272 -5.40 14.73 16.77
N GLU A 273 -5.28 13.53 16.17
CA GLU A 273 -6.27 12.96 15.26
C GLU A 273 -6.51 13.82 14.01
N SER A 274 -5.58 14.70 13.66
CA SER A 274 -5.69 15.41 12.39
C SER A 274 -5.41 14.44 11.24
N ILE A 275 -5.78 14.86 10.02
CA ILE A 275 -5.79 13.98 8.87
C ILE A 275 -4.58 14.25 7.98
N LYS A 276 -3.92 13.19 7.53
CA LYS A 276 -2.86 13.35 6.56
C LYS A 276 -3.47 13.68 5.19
N LEU A 277 -3.07 14.82 4.63
CA LEU A 277 -3.70 15.41 3.45
C LEU A 277 -2.60 15.92 2.53
N PRO A 278 -2.90 16.10 1.24
CA PRO A 278 -1.97 16.82 0.37
C PRO A 278 -1.59 18.16 0.99
N SER A 279 -0.33 18.56 0.83
CA SER A 279 0.19 19.74 1.50
C SER A 279 -0.71 20.97 1.30
N ALA A 280 -1.24 21.13 0.08
CA ALA A 280 -2.01 22.33 -0.22
C ALA A 280 -3.29 22.42 0.60
N ARG A 281 -3.84 21.29 1.01
CA ARG A 281 -5.07 21.31 1.81
C ARG A 281 -4.79 21.57 3.28
N VAL A 282 -3.54 21.42 3.72
CA VAL A 282 -3.13 21.76 5.08
C VAL A 282 -2.73 23.22 5.17
N LEU A 283 -1.81 23.65 4.29
CA LEU A 283 -1.35 25.02 4.33
C LEU A 283 -2.44 25.98 3.87
N GLY A 284 -3.17 25.62 2.82
CA GLY A 284 -4.36 26.33 2.40
C GLY A 284 -4.24 27.85 2.30
N GLU A 285 -4.88 28.55 3.23
CA GLU A 285 -4.98 30.01 3.15
C GLU A 285 -3.62 30.69 3.15
N PHE A 286 -2.59 30.02 3.66
CA PHE A 286 -1.25 30.61 3.68
C PHE A 286 -0.50 30.44 2.36
N LEU A 287 -1.13 29.89 1.33
CA LEU A 287 -0.47 29.64 0.05
C LEU A 287 -0.94 30.57 -1.05
N LYS A 288 -1.71 31.59 -0.74
CA LYS A 288 -2.08 32.58 -1.75
C LYS A 288 -0.82 33.20 -2.35
N GLY A 289 -0.81 33.32 -3.67
CA GLY A 289 0.34 33.88 -4.36
C GLY A 289 1.42 32.88 -4.74
N VAL A 290 1.27 31.61 -4.36
CA VAL A 290 2.19 30.56 -4.79
C VAL A 290 1.66 30.01 -6.11
N LYS A 291 2.46 30.14 -7.17
CA LYS A 291 2.01 29.76 -8.50
C LYS A 291 2.22 28.27 -8.74
N GLU A 292 1.25 27.67 -9.43
CA GLU A 292 1.41 26.30 -9.90
C GLU A 292 2.58 26.23 -10.88
N ASP A 293 3.34 25.13 -10.80
CA ASP A 293 4.49 24.91 -11.68
C ASP A 293 4.36 23.53 -12.31
N PRO A 294 3.57 23.42 -13.38
CA PRO A 294 3.23 22.09 -13.90
C PRO A 294 4.32 21.49 -14.79
N ILE A 295 4.34 20.16 -14.80
CA ILE A 295 5.12 19.35 -15.74
C ILE A 295 4.20 18.25 -16.22
N LYS A 296 3.86 18.26 -17.51
CA LYS A 296 3.00 17.23 -18.06
C LYS A 296 3.68 15.87 -18.00
N PRO A 297 2.93 14.79 -17.77
CA PRO A 297 3.57 13.48 -17.61
C PRO A 297 4.42 13.07 -18.79
N TRP A 298 4.08 13.55 -19.99
CA TRP A 298 4.79 13.14 -21.20
C TRP A 298 5.99 14.02 -21.51
N GLU A 299 6.28 15.02 -20.69
CA GLU A 299 7.45 15.87 -20.90
C GLU A 299 8.71 15.14 -20.49
N LYS A 300 9.80 15.37 -21.22
CA LYS A 300 11.09 14.84 -20.84
C LYS A 300 11.83 15.91 -20.05
N VAL A 301 12.41 15.52 -18.92
CA VAL A 301 13.04 16.45 -18.00
C VAL A 301 14.44 15.95 -17.64
N ASP A 302 15.38 16.88 -17.59
CA ASP A 302 16.80 16.56 -17.47
C ASP A 302 17.26 16.32 -16.05
N PHE A 303 16.53 16.83 -15.06
CA PHE A 303 16.96 16.96 -13.69
C PHE A 303 15.98 16.25 -12.76
N LYS A 304 16.35 16.16 -11.49
CA LYS A 304 15.50 15.53 -10.49
C LYS A 304 14.39 16.50 -10.05
N THR A 305 13.17 15.98 -9.96
CA THR A 305 12.02 16.80 -9.61
C THR A 305 10.90 15.84 -9.26
N TYR A 306 9.79 16.39 -8.79
CA TYR A 306 8.66 15.55 -8.40
C TYR A 306 7.72 15.39 -9.60
N ARG A 307 7.54 14.14 -10.02
CA ARG A 307 6.63 13.83 -11.11
C ARG A 307 5.61 12.82 -10.59
N GLU A 308 4.43 13.31 -10.21
CA GLU A 308 3.41 12.42 -9.69
C GLU A 308 3.05 11.35 -10.70
N ILE A 309 2.81 11.77 -11.95
CA ILE A 309 2.44 10.88 -13.05
C ILE A 309 3.51 11.03 -14.12
N LEU A 310 3.95 9.91 -14.68
CA LEU A 310 4.99 9.91 -15.72
C LEU A 310 4.53 9.04 -16.88
N TYR A 311 4.58 9.56 -18.09
CA TYR A 311 4.30 8.78 -19.30
C TYR A 311 5.59 8.63 -20.11
N GLU A 312 5.94 7.38 -20.44
CA GLU A 312 7.11 7.07 -21.25
C GLU A 312 6.74 6.02 -22.29
N GLU A 313 7.28 6.17 -23.51
CA GLU A 313 7.03 5.24 -24.60
C GLU A 313 8.30 4.48 -24.91
N GLU A 314 8.19 3.15 -24.99
CA GLU A 314 9.32 2.31 -25.39
C GLU A 314 8.77 1.14 -26.18
N ASP A 315 9.34 0.89 -27.35
CA ASP A 315 9.10 -0.35 -28.11
C ASP A 315 7.62 -0.52 -28.48
N GLY A 316 6.95 0.58 -28.81
CA GLY A 316 5.53 0.54 -29.16
C GLY A 316 4.58 0.47 -27.98
N ILE A 317 5.07 0.69 -26.76
CA ILE A 317 4.26 0.62 -25.55
C ILE A 317 4.31 1.96 -24.83
N GLY A 318 3.16 2.46 -24.39
CA GLY A 318 3.09 3.62 -23.54
C GLY A 318 2.91 3.22 -22.10
N PHE A 319 3.87 3.58 -21.25
CA PHE A 319 3.83 3.23 -19.84
C PHE A 319 3.39 4.45 -19.04
N ILE A 320 2.43 4.24 -18.14
CA ILE A 320 1.91 5.29 -17.28
C ILE A 320 2.26 4.92 -15.84
N HIS A 321 3.22 5.64 -15.26
CA HIS A 321 3.47 5.54 -13.83
C HIS A 321 2.55 6.52 -13.13
N PHE A 322 1.93 6.10 -12.03
CA PHE A 322 1.23 7.09 -11.20
C PHE A 322 1.58 6.83 -9.74
N ASN A 323 2.31 7.76 -9.14
CA ASN A 323 2.76 7.62 -7.75
CA ASN A 323 2.78 7.65 -7.77
C ASN A 323 1.83 8.44 -6.86
N PHE A 324 0.68 7.84 -6.57
CA PHE A 324 -0.30 8.44 -5.66
C PHE A 324 0.03 7.95 -4.25
N TYR A 325 0.32 8.89 -3.35
CA TYR A 325 0.78 8.51 -2.02
C TYR A 325 -0.17 7.51 -1.37
N ASN A 326 0.39 6.40 -0.89
CA ASN A 326 -0.34 5.33 -0.22
C ASN A 326 -1.37 4.65 -1.11
N GLY A 327 -1.25 4.79 -2.43
CA GLY A 327 -2.20 4.19 -3.35
C GLY A 327 -3.57 4.83 -3.40
N ALA A 328 -3.84 5.85 -2.60
CA ALA A 328 -5.16 6.48 -2.54
C ALA A 328 -5.30 7.48 -3.67
N MET A 329 -6.41 7.40 -4.40
CA MET A 329 -6.64 8.24 -5.56
C MET A 329 -7.75 9.22 -5.22
N SER A 330 -7.39 10.48 -4.96
CA SER A 330 -8.39 11.52 -4.76
C SER A 330 -9.14 11.78 -6.07
N THR A 331 -10.27 12.48 -5.96
CA THR A 331 -11.00 12.83 -7.17
C THR A 331 -10.11 13.55 -8.17
N GLU A 332 -9.29 14.48 -7.68
CA GLU A 332 -8.44 15.26 -8.57
C GLU A 332 -7.31 14.41 -9.16
N GLN A 333 -6.79 13.46 -8.38
CA GLN A 333 -5.79 12.56 -8.93
C GLN A 333 -6.38 11.69 -10.03
N CYS A 334 -7.61 11.19 -9.81
CA CYS A 334 -8.30 10.43 -10.84
C CYS A 334 -8.38 11.19 -12.15
N TYR A 335 -8.74 12.47 -12.10
CA TYR A 335 -8.87 13.23 -13.34
C TYR A 335 -7.51 13.49 -13.98
N ARG A 336 -6.44 13.58 -13.19
CA ARG A 336 -5.12 13.75 -13.78
C ARG A 336 -4.65 12.45 -14.45
N LEU A 337 -4.94 11.31 -13.83
CA LEU A 337 -4.69 10.03 -14.48
C LEU A 337 -5.51 9.89 -15.76
N LEU A 338 -6.81 10.21 -15.68
CA LEU A 338 -7.66 10.14 -16.87
C LEU A 338 -7.08 10.95 -18.03
N GLU A 339 -6.61 12.17 -17.76
CA GLU A 339 -6.03 12.99 -18.82
C GLU A 339 -4.79 12.33 -19.45
N THR A 340 -3.99 11.65 -18.63
CA THR A 340 -2.82 10.97 -19.17
C THR A 340 -3.21 9.75 -20.00
N ILE A 341 -4.25 9.02 -19.58
CA ILE A 341 -4.75 7.92 -20.40
C ILE A 341 -5.26 8.42 -21.75
N LYS A 342 -6.05 9.50 -21.75
CA LYS A 342 -6.52 10.06 -23.03
C LYS A 342 -5.34 10.50 -23.91
N TYR A 343 -4.31 11.10 -23.31
CA TYR A 343 -3.12 11.46 -24.09
C TYR A 343 -2.52 10.22 -24.74
N ALA A 344 -2.34 9.15 -23.96
CA ALA A 344 -1.70 7.93 -24.45
C ALA A 344 -2.52 7.28 -25.56
N LYS A 345 -3.85 7.35 -25.46
CA LYS A 345 -4.69 6.75 -26.48
C LYS A 345 -4.60 7.46 -27.82
N LYS A 346 -4.11 8.70 -27.85
CA LYS A 346 -3.88 9.38 -29.12
C LYS A 346 -2.48 9.15 -29.66
N ARG A 347 -1.65 8.41 -28.95
CA ARG A 347 -0.28 8.15 -29.36
C ARG A 347 -0.23 6.92 -30.26
N PRO A 348 0.85 6.76 -31.08
CA PRO A 348 0.98 5.56 -31.95
C PRO A 348 1.61 4.39 -31.21
N VAL A 349 0.99 3.98 -30.09
CA VAL A 349 1.41 2.81 -29.35
C VAL A 349 0.39 1.71 -29.59
N LYS A 350 0.85 0.46 -29.52
CA LYS A 350 -0.05 -0.68 -29.62
C LYS A 350 -0.62 -1.09 -28.25
N ALA A 351 0.04 -0.71 -27.15
CA ALA A 351 -0.36 -1.09 -25.81
C ALA A 351 -0.16 0.08 -24.86
N ILE A 352 -1.05 0.21 -23.88
CA ILE A 352 -0.88 1.14 -22.78
C ILE A 352 -0.80 0.31 -21.49
N VAL A 353 0.22 0.58 -20.67
CA VAL A 353 0.47 -0.17 -19.45
C VAL A 353 0.32 0.77 -18.27
N LEU A 354 -0.64 0.48 -17.37
CA LEU A 354 -0.75 1.20 -16.10
C LEU A 354 0.18 0.54 -15.09
N LEU A 355 1.14 1.29 -14.56
CA LEU A 355 2.14 0.71 -13.66
C LEU A 355 1.98 1.11 -12.20
N GLY A 356 1.10 2.06 -11.88
CA GLY A 356 0.99 2.49 -10.48
C GLY A 356 2.33 3.02 -10.01
N SER A 357 2.68 2.71 -8.77
CA SER A 357 4.02 2.98 -8.23
C SER A 357 4.62 1.66 -7.76
N GLU A 358 5.89 1.71 -7.32
CA GLU A 358 6.53 0.48 -6.83
C GLU A 358 5.86 -0.06 -5.58
N ASP A 359 5.36 0.80 -4.71
CA ASP A 359 4.79 0.33 -3.44
C ASP A 359 3.31 -0.03 -3.54
N PHE A 360 2.56 0.58 -4.45
CA PHE A 360 1.14 0.28 -4.58
C PHE A 360 0.74 0.33 -6.03
N PHE A 361 -0.12 -0.59 -6.45
CA PHE A 361 -0.83 -0.31 -7.70
C PHE A 361 -1.91 0.75 -7.46
N SER A 362 -2.85 0.46 -6.57
CA SER A 362 -3.91 1.41 -6.20
C SER A 362 -4.69 0.85 -5.02
N ASN A 363 -5.15 1.76 -4.14
CA ASN A 363 -6.05 1.37 -3.07
C ASN A 363 -7.43 2.00 -3.19
N GLY A 364 -7.79 2.47 -4.38
CA GLY A 364 -9.14 2.99 -4.59
C GLY A 364 -9.27 4.43 -4.13
N MET A 365 -10.49 4.79 -3.68
CA MET A 365 -10.78 6.18 -3.35
C MET A 365 -9.90 6.66 -2.19
N ASN A 366 -9.61 7.96 -2.18
CA ASN A 366 -8.82 8.56 -1.10
C ASN A 366 -9.74 8.89 0.08
N LEU A 367 -9.69 8.07 1.13
CA LEU A 367 -10.55 8.28 2.29
C LEU A 367 -10.16 9.52 3.08
N ASN A 368 -8.90 9.94 3.00
CA ASN A 368 -8.47 11.14 3.71
C ASN A 368 -9.09 12.40 3.10
N THR A 369 -9.01 12.55 1.79
CA THR A 369 -9.59 13.74 1.17
C THR A 369 -11.12 13.72 1.25
N ILE A 370 -11.73 12.53 1.29
CA ILE A 370 -13.17 12.45 1.50
C ILE A 370 -13.53 12.96 2.88
N GLU A 371 -12.90 12.39 3.91
CA GLU A 371 -13.19 12.80 5.29
C GLU A 371 -12.96 14.28 5.51
N ASN A 372 -11.97 14.87 4.84
CA ASN A 372 -11.69 16.29 5.01
C ASN A 372 -12.65 17.19 4.27
N ALA A 373 -13.46 16.65 3.35
CA ALA A 373 -14.34 17.47 2.55
C ALA A 373 -15.47 18.06 3.39
N GLU A 374 -15.98 19.21 2.94
CA GLU A 374 -17.13 19.82 3.62
C GLU A 374 -18.27 18.82 3.77
N SER A 375 -18.57 18.06 2.72
CA SER A 375 -19.53 16.95 2.78
C SER A 375 -18.87 15.65 2.35
N PRO A 376 -18.44 14.80 3.29
CA PRO A 376 -17.79 13.54 2.89
C PRO A 376 -18.66 12.67 2.01
N ALA A 377 -19.99 12.69 2.20
CA ALA A 377 -20.87 11.95 1.28
C ALA A 377 -20.75 12.49 -0.15
N ASP A 378 -20.81 13.81 -0.33
CA ASP A 378 -20.70 14.37 -1.67
C ASP A 378 -19.35 14.03 -2.29
N GLU A 379 -18.28 14.19 -1.53
CA GLU A 379 -16.95 13.91 -2.04
C GLU A 379 -16.79 12.44 -2.37
N SER A 380 -17.42 11.55 -1.60
CA SER A 380 -17.41 10.14 -1.96
C SER A 380 -18.02 9.94 -3.34
N TRP A 381 -19.13 10.64 -3.61
CA TRP A 381 -19.81 10.54 -4.90
C TRP A 381 -18.90 11.03 -6.03
N ARG A 382 -18.27 12.19 -5.84
CA ARG A 382 -17.33 12.71 -6.84
C ARG A 382 -16.20 11.70 -7.08
N ASN A 383 -15.64 11.17 -5.99
CA ASN A 383 -14.46 10.29 -6.09
C ASN A 383 -14.80 9.00 -6.82
N ILE A 384 -15.98 8.42 -6.55
CA ILE A 384 -16.30 7.15 -7.19
C ILE A 384 -16.67 7.37 -8.64
N ASN A 385 -17.28 8.50 -8.97
CA ASN A 385 -17.51 8.78 -10.38
C ASN A 385 -16.21 9.07 -11.10
N ALA A 386 -15.26 9.73 -10.44
CA ALA A 386 -13.96 10.01 -11.07
C ALA A 386 -13.17 8.73 -11.33
N ILE A 387 -13.13 7.80 -10.37
CA ILE A 387 -12.41 6.55 -10.62
C ILE A 387 -13.14 5.72 -11.68
N ASP A 388 -14.49 5.73 -11.66
CA ASP A 388 -15.25 5.07 -12.73
C ASP A 388 -14.98 5.69 -14.09
N ASP A 389 -14.76 7.01 -14.16
CA ASP A 389 -14.41 7.62 -15.46
C ASP A 389 -13.07 7.12 -15.97
N VAL A 390 -12.09 6.94 -15.08
CA VAL A 390 -10.81 6.30 -15.46
C VAL A 390 -11.07 4.88 -15.98
N CYS A 391 -11.88 4.12 -15.24
CA CYS A 391 -12.16 2.73 -15.63
C CYS A 391 -12.86 2.67 -16.98
N GLU A 392 -13.85 3.55 -17.19
CA GLU A 392 -14.58 3.56 -18.44
C GLU A 392 -13.70 3.95 -19.62
N GLU A 393 -12.77 4.89 -19.42
CA GLU A 393 -11.85 5.26 -20.48
C GLU A 393 -10.94 4.10 -20.89
N ILE A 394 -10.47 3.33 -19.90
CA ILE A 394 -9.66 2.15 -20.19
C ILE A 394 -10.49 1.13 -20.96
N LEU A 395 -11.70 0.83 -20.46
CA LEU A 395 -12.56 -0.16 -21.10
C LEU A 395 -12.87 0.20 -22.55
N LYS A 396 -13.12 1.48 -22.82
CA LYS A 396 -13.48 1.97 -24.15
C LYS A 396 -12.24 2.29 -24.99
N THR A 397 -11.34 1.32 -25.08
CA THR A 397 -10.08 1.46 -25.82
C THR A 397 -10.06 0.30 -26.82
N PRO A 398 -10.80 0.41 -27.93
CA PRO A 398 -11.03 -0.76 -28.77
C PRO A 398 -9.84 -1.14 -29.65
N ASP A 399 -8.86 -0.25 -29.83
CA ASP A 399 -7.83 -0.43 -30.83
C ASP A 399 -6.44 -0.58 -30.25
N LYS A 400 -6.31 -0.62 -28.92
CA LYS A 400 -5.03 -0.85 -28.29
C LYS A 400 -5.20 -1.88 -27.17
N LEU A 401 -4.12 -2.60 -26.88
CA LEU A 401 -4.09 -3.48 -25.72
C LEU A 401 -3.90 -2.65 -24.45
N THR A 402 -4.62 -2.99 -23.39
CA THR A 402 -4.37 -2.35 -22.11
C THR A 402 -3.90 -3.37 -21.09
N VAL A 403 -2.98 -2.94 -20.23
CA VAL A 403 -2.29 -3.83 -19.30
C VAL A 403 -2.19 -3.11 -17.96
N ALA A 404 -2.55 -3.81 -16.89
CA ALA A 404 -2.28 -3.36 -15.52
C ALA A 404 -1.07 -4.14 -14.99
N GLY A 405 -0.04 -3.41 -14.58
CA GLY A 405 1.13 -4.04 -13.99
C GLY A 405 1.20 -3.69 -12.52
N MET A 406 0.82 -4.63 -11.65
CA MET A 406 0.80 -4.34 -10.23
C MET A 406 2.18 -4.63 -9.64
N GLN A 407 2.99 -3.57 -9.48
CA GLN A 407 4.29 -3.70 -8.85
C GLN A 407 4.18 -3.83 -7.34
N GLY A 408 3.11 -3.28 -6.75
CA GLY A 408 2.90 -3.39 -5.33
C GLY A 408 1.46 -3.72 -5.03
N ASN A 409 1.07 -3.59 -3.76
CA ASN A 409 -0.22 -4.09 -3.31
C ASN A 409 -1.38 -3.33 -3.95
N ALA A 410 -2.53 -3.99 -4.00
CA ALA A 410 -3.74 -3.35 -4.47
C ALA A 410 -4.88 -3.74 -3.55
N GLY A 411 -5.76 -2.80 -3.25
CA GLY A 411 -6.90 -3.09 -2.42
C GLY A 411 -8.13 -2.33 -2.89
N PHE A 412 -9.30 -2.89 -2.55
CA PHE A 412 -10.56 -2.18 -2.74
C PHE A 412 -10.74 -1.76 -4.19
N GLY A 413 -11.17 -0.54 -4.46
CA GLY A 413 -11.39 -0.08 -5.83
C GLY A 413 -10.17 -0.19 -6.72
N GLY A 414 -8.97 -0.24 -6.11
CA GLY A 414 -7.76 -0.31 -6.90
C GLY A 414 -7.55 -1.66 -7.56
N VAL A 415 -8.02 -2.73 -6.91
CA VAL A 415 -8.01 -4.04 -7.53
C VAL A 415 -8.89 -4.06 -8.77
N PHE A 416 -10.12 -3.53 -8.64
CA PHE A 416 -11.04 -3.57 -9.76
C PHE A 416 -10.67 -2.57 -10.86
N LEU A 417 -9.96 -1.50 -10.52
CA LEU A 417 -9.32 -0.68 -11.54
C LEU A 417 -8.42 -1.53 -12.44
N ALA A 418 -7.53 -2.31 -11.82
CA ALA A 418 -6.62 -3.15 -12.60
C ALA A 418 -7.38 -4.10 -13.51
N LEU A 419 -8.49 -4.67 -13.00
CA LEU A 419 -9.29 -5.62 -13.76
C LEU A 419 -10.00 -4.99 -14.97
N THR A 420 -10.08 -3.67 -15.10
CA THR A 420 -10.62 -3.18 -16.36
C THR A 420 -9.62 -3.32 -17.50
N CYS A 421 -8.35 -3.53 -17.22
CA CYS A 421 -7.37 -3.70 -18.30
C CYS A 421 -7.50 -5.08 -18.92
N ASP A 422 -7.15 -5.19 -20.21
CA ASP A 422 -7.22 -6.49 -20.89
C ASP A 422 -6.39 -7.54 -20.16
N LEU A 423 -5.22 -7.15 -19.68
CA LEU A 423 -4.28 -8.05 -19.04
C LEU A 423 -3.89 -7.46 -17.70
N VAL A 424 -3.80 -8.32 -16.69
CA VAL A 424 -3.34 -7.94 -15.36
C VAL A 424 -2.16 -8.84 -14.97
N PHE A 425 -1.05 -8.23 -14.61
CA PHE A 425 0.10 -8.97 -14.10
C PHE A 425 0.53 -8.35 -12.79
N ALA A 426 1.15 -9.17 -11.94
CA ALA A 426 1.60 -8.70 -10.63
C ALA A 426 2.98 -9.29 -10.30
N ARG A 427 3.73 -8.55 -9.51
CA ARG A 427 5.00 -9.04 -8.96
C ARG A 427 4.74 -10.13 -7.92
N GLU A 428 5.69 -11.05 -7.80
CA GLU A 428 5.60 -12.06 -6.75
C GLU A 428 5.62 -11.38 -5.38
N GLY A 429 4.77 -11.87 -4.48
CA GLY A 429 4.65 -11.30 -3.16
C GLY A 429 3.68 -10.15 -3.04
N VAL A 430 3.09 -9.68 -4.14
CA VAL A 430 2.06 -8.65 -4.05
C VAL A 430 0.82 -9.24 -3.37
N VAL A 431 0.16 -8.45 -2.54
CA VAL A 431 -1.02 -8.88 -1.81
C VAL A 431 -2.22 -8.09 -2.29
N LEU A 432 -3.31 -8.80 -2.58
CA LEU A 432 -4.54 -8.19 -3.08
CA LEU A 432 -4.54 -8.18 -3.07
C LEU A 432 -5.64 -8.29 -2.03
N ASN A 433 -6.48 -7.25 -1.96
CA ASN A 433 -7.66 -7.23 -1.10
C ASN A 433 -8.86 -6.93 -2.00
N PRO A 434 -9.33 -7.91 -2.76
CA PRO A 434 -10.40 -7.68 -3.76
C PRO A 434 -11.78 -7.67 -3.13
N HIS A 435 -12.02 -6.70 -2.27
CA HIS A 435 -13.23 -6.66 -1.45
C HIS A 435 -13.29 -5.30 -0.77
N TYR A 436 -14.46 -5.02 -0.18
CA TYR A 436 -14.74 -3.80 0.58
C TYR A 436 -15.25 -4.08 1.98
N LYS A 437 -15.84 -5.25 2.23
CA LYS A 437 -16.70 -5.49 3.39
C LYS A 437 -16.08 -5.05 4.71
N ASN A 438 -14.76 -4.86 4.77
CA ASN A 438 -14.16 -4.35 6.00
C ASN A 438 -14.57 -2.91 6.25
N PHE A 439 -14.79 -2.13 5.20
CA PHE A 439 -15.04 -0.69 5.33
C PHE A 439 -16.53 -0.38 5.22
N GLY A 440 -17.32 -0.95 6.13
CA GLY A 440 -18.74 -0.68 6.15
C GLY A 440 -19.44 -1.06 4.86
N ASN A 441 -19.19 -2.28 4.39
CA ASN A 441 -19.84 -2.91 3.24
C ASN A 441 -20.20 -1.94 2.11
N LEU A 442 -19.20 -1.40 1.43
CA LEU A 442 -19.45 -0.75 0.15
C LEU A 442 -19.75 -1.82 -0.89
N TYR A 443 -20.69 -1.51 -1.79
CA TYR A 443 -20.92 -2.39 -2.92
C TYR A 443 -19.74 -2.38 -3.89
N GLY A 444 -19.03 -1.25 -4.01
CA GLY A 444 -17.98 -1.10 -4.98
C GLY A 444 -18.49 -0.74 -6.36
N SER A 445 -17.59 -0.25 -7.21
CA SER A 445 -17.98 0.02 -8.58
C SER A 445 -16.85 -0.38 -9.52
N GLU A 446 -16.28 0.56 -10.26
CA GLU A 446 -15.16 0.26 -11.16
C GLU A 446 -15.52 -0.85 -12.14
N PHE A 447 -16.82 -0.98 -12.44
CA PHE A 447 -17.31 -1.95 -13.41
C PHE A 447 -17.04 -3.39 -12.98
N TRP A 448 -16.85 -3.61 -11.67
CA TRP A 448 -16.60 -4.97 -11.19
C TRP A 448 -17.71 -5.94 -11.58
N THR A 449 -18.96 -5.46 -11.69
CA THR A 449 -20.05 -6.34 -12.11
C THR A 449 -19.93 -6.74 -13.58
N TYR A 450 -19.04 -6.12 -14.33
CA TYR A 450 -18.70 -6.56 -15.67
C TYR A 450 -17.40 -7.36 -15.69
N THR A 451 -16.33 -6.85 -15.06
CA THR A 451 -15.02 -7.46 -15.20
C THR A 451 -14.88 -8.75 -14.42
N LEU A 452 -15.50 -8.83 -13.21
CA LEU A 452 -15.28 -10.00 -12.38
C LEU A 452 -15.97 -11.24 -12.92
N PRO A 453 -17.24 -11.19 -13.35
CA PRO A 453 -17.82 -12.40 -13.98
C PRO A 453 -17.13 -12.80 -15.26
N LYS A 454 -16.63 -11.84 -16.05
CA LYS A 454 -15.96 -12.20 -17.29
C LYS A 454 -14.69 -13.00 -17.03
N ARG A 455 -14.04 -12.78 -15.87
CA ARG A 455 -12.80 -13.47 -15.54
C ARG A 455 -13.02 -14.79 -14.81
N VAL A 456 -13.89 -14.82 -13.80
CA VAL A 456 -14.03 -15.98 -12.93
C VAL A 456 -15.46 -16.48 -12.82
N GLY A 457 -16.43 -15.83 -13.46
CA GLY A 457 -17.82 -16.23 -13.34
C GLY A 457 -18.51 -15.60 -12.14
N TRP A 458 -19.84 -15.70 -12.13
CA TRP A 458 -20.62 -15.05 -11.07
C TRP A 458 -20.51 -15.80 -9.76
N GLU A 459 -20.65 -17.12 -9.78
CA GLU A 459 -20.49 -17.92 -8.57
C GLU A 459 -19.17 -17.60 -7.87
N LYS A 460 -18.05 -17.84 -8.57
CA LYS A 460 -16.75 -17.55 -7.97
C LYS A 460 -16.56 -16.06 -7.74
N GLY A 461 -17.23 -15.21 -8.53
CA GLY A 461 -17.09 -13.78 -8.35
C GLY A 461 -17.63 -13.30 -7.02
N LYS A 462 -18.83 -13.74 -6.65
CA LYS A 462 -19.38 -13.34 -5.36
C LYS A 462 -18.56 -13.92 -4.20
N GLU A 463 -18.03 -15.13 -4.36
CA GLU A 463 -17.15 -15.68 -3.34
C GLU A 463 -15.92 -14.81 -3.13
N VAL A 464 -15.32 -14.32 -4.22
CA VAL A 464 -14.12 -13.47 -4.09
C VAL A 464 -14.45 -12.22 -3.28
N MET A 465 -15.55 -11.55 -3.64
CA MET A 465 -15.89 -10.32 -2.95
C MET A 465 -16.45 -10.58 -1.54
N GLU A 466 -16.96 -11.78 -1.26
CA GLU A 466 -17.39 -12.09 0.10
C GLU A 466 -16.20 -12.33 1.03
N ASN A 467 -15.11 -12.88 0.50
CA ASN A 467 -13.89 -13.10 1.30
C ASN A 467 -13.35 -11.76 1.79
N ARG A 468 -13.16 -11.63 3.09
CA ARG A 468 -12.61 -10.39 3.64
C ARG A 468 -11.13 -10.49 3.96
N MET A 469 -10.50 -11.59 3.66
CA MET A 469 -9.09 -11.79 3.95
C MET A 469 -8.26 -11.54 2.68
N PRO A 470 -6.99 -11.17 2.84
CA PRO A 470 -6.15 -10.94 1.65
C PRO A 470 -5.83 -12.24 0.91
N ILE A 471 -5.44 -12.08 -0.36
CA ILE A 471 -4.93 -13.18 -1.16
C ILE A 471 -3.66 -12.72 -1.85
N SER A 472 -2.76 -13.66 -2.11
CA SER A 472 -1.52 -13.34 -2.82
C SER A 472 -1.78 -13.22 -4.31
N SER A 473 -0.83 -12.59 -5.01
CA SER A 473 -0.95 -12.56 -6.47
C SER A 473 -0.83 -13.96 -7.04
N LYS A 474 -0.10 -14.84 -6.37
CA LYS A 474 -0.04 -16.23 -6.81
C LYS A 474 -1.41 -16.91 -6.70
N LYS A 475 -2.13 -16.70 -5.60
CA LYS A 475 -3.49 -17.23 -5.49
C LYS A 475 -4.43 -16.57 -6.49
N ALA A 476 -4.31 -15.24 -6.68
CA ALA A 476 -5.13 -14.55 -7.67
C ALA A 476 -4.93 -15.13 -9.06
N PHE A 477 -3.69 -15.47 -9.40
CA PHE A 477 -3.42 -16.10 -10.68
C PHE A 477 -4.03 -17.50 -10.76
N GLU A 478 -3.90 -18.30 -9.69
CA GLU A 478 -4.43 -19.66 -9.71
C GLU A 478 -5.94 -19.69 -9.93
N ILE A 479 -6.66 -18.73 -9.34
CA ILE A 479 -8.11 -18.71 -9.49
C ILE A 479 -8.55 -17.96 -10.75
N GLY A 480 -7.62 -17.45 -11.55
CA GLY A 480 -7.98 -16.75 -12.77
C GLY A 480 -8.35 -15.29 -12.58
N LEU A 481 -8.11 -14.72 -11.40
CA LEU A 481 -8.39 -13.31 -11.18
C LEU A 481 -7.41 -12.42 -11.97
N ILE A 482 -6.15 -12.82 -12.08
CA ILE A 482 -5.16 -12.09 -12.88
C ILE A 482 -4.50 -13.07 -13.84
N ASP A 483 -3.66 -12.54 -14.73
CA ASP A 483 -3.15 -13.28 -15.88
C ASP A 483 -1.72 -13.77 -15.73
N GLY A 484 -0.99 -13.29 -14.73
CA GLY A 484 0.34 -13.83 -14.50
C GLY A 484 1.00 -13.16 -13.31
N VAL A 485 2.02 -13.83 -12.80
CA VAL A 485 2.77 -13.37 -11.64
C VAL A 485 4.23 -13.70 -11.91
N PHE A 486 5.11 -12.71 -11.77
CA PHE A 486 6.52 -12.97 -12.05
C PHE A 486 7.35 -11.83 -11.50
N GLY A 487 8.62 -12.12 -11.25
CA GLY A 487 9.56 -11.11 -10.80
C GLY A 487 9.59 -10.98 -9.30
N LYS A 488 10.78 -10.74 -8.74
CA LYS A 488 10.93 -10.65 -7.29
C LYS A 488 10.90 -9.21 -6.80
N THR A 489 11.46 -8.29 -7.57
CA THR A 489 11.50 -6.88 -7.28
C THR A 489 10.71 -6.08 -8.30
N PRO A 490 10.28 -4.85 -7.97
CA PRO A 490 9.67 -4.00 -8.99
C PRO A 490 10.45 -3.92 -10.29
N LYS A 491 11.78 -3.75 -10.20
CA LYS A 491 12.58 -3.63 -11.41
C LYS A 491 12.48 -4.88 -12.27
N GLU A 492 12.61 -6.05 -11.65
CA GLU A 492 12.52 -7.29 -12.42
C GLU A 492 11.13 -7.49 -12.99
N PHE A 493 10.11 -7.16 -12.20
CA PHE A 493 8.75 -7.26 -12.72
C PHE A 493 8.58 -6.38 -13.96
N ARG A 494 9.01 -5.10 -13.91
CA ARG A 494 8.82 -4.20 -15.04
C ARG A 494 9.53 -4.71 -16.29
N GLN A 495 10.71 -5.28 -16.13
CA GLN A 495 11.48 -5.74 -17.30
C GLN A 495 10.80 -6.95 -17.93
N ARG A 496 10.37 -7.91 -17.12
CA ARG A 496 9.64 -9.07 -17.64
C ARG A 496 8.32 -8.64 -18.27
N LEU A 497 7.58 -7.74 -17.62
CA LEU A 497 6.33 -7.26 -18.20
C LEU A 497 6.57 -6.64 -19.57
N LYS A 498 7.53 -5.72 -19.65
CA LYS A 498 7.82 -5.07 -20.93
C LYS A 498 8.15 -6.10 -22.00
N GLU A 499 8.99 -7.10 -21.69
CA GLU A 499 9.36 -8.05 -22.73
C GLU A 499 8.16 -8.91 -23.10
N ARG A 500 7.33 -9.27 -22.13
CA ARG A 500 6.13 -10.05 -22.42
C ARG A 500 5.19 -9.29 -23.36
N ILE A 501 4.93 -8.01 -23.06
CA ILE A 501 4.02 -7.22 -23.91
C ILE A 501 4.64 -6.96 -25.28
N LYS A 502 5.93 -6.61 -25.31
CA LYS A 502 6.62 -6.40 -26.59
C LYS A 502 6.48 -7.61 -27.51
N ASN A 503 6.73 -8.80 -26.98
CA ASN A 503 6.58 -10.02 -27.78
CA ASN A 503 6.60 -9.97 -27.84
C ASN A 503 5.15 -10.22 -28.24
N PHE A 504 4.18 -9.84 -27.40
CA PHE A 504 2.79 -10.07 -27.80
C PHE A 504 2.34 -9.09 -28.88
N ILE A 505 2.65 -7.81 -28.73
CA ILE A 505 2.15 -6.83 -29.70
C ILE A 505 2.80 -7.01 -31.07
N ASN A 506 3.87 -7.81 -31.15
CA ASN A 506 4.51 -8.11 -32.42
C ASN A 506 4.17 -9.50 -32.95
N SER A 507 3.09 -10.11 -32.49
CA SER A 507 2.64 -11.40 -32.97
C SER A 507 1.33 -11.23 -33.74
N LYS A 508 0.97 -12.28 -34.49
CA LYS A 508 -0.26 -12.22 -35.27
C LYS A 508 -1.48 -12.18 -34.35
N ASP A 509 -1.42 -12.90 -33.24
CA ASP A 509 -2.54 -12.94 -32.31
C ASP A 509 -2.89 -11.56 -31.75
N PHE A 510 -1.96 -10.60 -31.84
CA PHE A 510 -2.27 -9.25 -31.41
C PHE A 510 -3.30 -8.60 -32.32
N TYR A 511 -3.07 -8.67 -33.65
CA TYR A 511 -4.00 -8.08 -34.59
C TYR A 511 -5.31 -8.84 -34.63
N GLU A 512 -5.28 -10.15 -34.34
CA GLU A 512 -6.50 -10.91 -34.22
C GLU A 512 -7.26 -10.50 -32.96
N PHE A 513 -6.54 -10.37 -31.85
CA PHE A 513 -7.17 -9.90 -30.61
C PHE A 513 -7.81 -8.52 -30.80
N ILE A 514 -7.05 -7.57 -31.38
CA ILE A 514 -7.55 -6.21 -31.54
C ILE A 514 -8.77 -6.21 -32.46
N GLU A 515 -8.75 -7.02 -33.52
CA GLU A 515 -9.88 -7.04 -34.44
C GLU A 515 -11.16 -7.42 -33.71
N LYS A 516 -11.10 -8.43 -32.84
CA LYS A 516 -12.28 -8.82 -32.08
C LYS A 516 -12.65 -7.76 -31.05
N LYS A 517 -11.67 -7.07 -30.47
CA LYS A 517 -11.97 -6.03 -29.49
C LYS A 517 -12.64 -4.83 -30.14
N LYS A 518 -12.21 -4.49 -31.36
CA LYS A 518 -12.85 -3.39 -32.10
C LYS A 518 -14.31 -3.70 -32.38
N LYS A 519 -14.58 -4.89 -32.93
CA LYS A 519 -15.95 -5.28 -33.23
C LYS A 519 -16.84 -5.20 -32.00
N GLU A 520 -16.37 -5.75 -30.88
CA GLU A 520 -17.19 -5.83 -29.68
C GLU A 520 -17.40 -4.45 -29.07
N ARG A 521 -16.34 -3.69 -28.85
CA ARG A 521 -16.43 -2.46 -28.08
C ARG A 521 -16.83 -1.24 -28.91
N THR A 522 -17.19 -1.45 -30.18
CA THR A 522 -17.87 -0.45 -30.99
C THR A 522 -19.35 -0.77 -31.17
N SER A 523 -19.78 -1.98 -30.84
CA SER A 523 -21.18 -2.35 -30.96
C SER A 523 -22.01 -1.68 -29.86
N GLY A 524 -23.28 -1.44 -30.17
CA GLY A 524 -24.16 -0.81 -29.19
C GLY A 524 -24.52 -1.73 -28.04
N GLU A 525 -24.53 -3.05 -28.28
CA GLU A 525 -24.90 -3.98 -27.22
C GLU A 525 -23.85 -4.02 -26.13
N TRP A 526 -22.57 -3.95 -26.49
CA TRP A 526 -21.53 -3.88 -25.48
C TRP A 526 -21.54 -2.53 -24.79
N LEU A 527 -21.67 -1.45 -25.57
CA LEU A 527 -21.74 -0.12 -24.99
C LEU A 527 -22.88 -0.02 -23.99
N GLU A 528 -24.02 -0.62 -24.32
CA GLU A 528 -25.18 -0.58 -23.44
C GLU A 528 -24.95 -1.39 -22.16
N GLU A 529 -24.37 -2.59 -22.30
CA GLU A 529 -24.14 -3.42 -21.12
C GLU A 529 -23.20 -2.74 -20.14
N ILE A 530 -22.21 -2.02 -20.66
CA ILE A 530 -21.23 -1.33 -19.81
C ILE A 530 -21.92 -0.23 -19.00
N GLN A 531 -22.75 0.57 -19.66
CA GLN A 531 -23.47 1.65 -18.98
C GLN A 531 -24.37 1.10 -17.89
N LYS A 532 -25.12 0.03 -18.18
CA LYS A 532 -26.01 -0.55 -17.18
C LYS A 532 -25.23 -1.06 -15.97
N CYS A 533 -24.01 -1.56 -16.19
CA CYS A 533 -23.16 -1.98 -15.09
C CYS A 533 -22.78 -0.81 -14.20
N ARG A 534 -22.38 0.30 -14.81
CA ARG A 534 -21.97 1.47 -14.04
C ARG A 534 -23.13 2.03 -13.23
N GLU A 535 -24.29 2.22 -13.87
CA GLU A 535 -25.40 2.84 -13.15
C GLU A 535 -25.94 1.92 -12.05
N HIS A 536 -25.92 0.61 -12.27
CA HIS A 536 -26.33 -0.27 -11.19
C HIS A 536 -25.37 -0.18 -10.01
N GLU A 537 -24.06 -0.20 -10.28
CA GLU A 537 -23.10 -0.12 -9.18
C GLU A 537 -23.20 1.21 -8.44
N LEU A 538 -23.39 2.30 -9.19
CA LEU A 538 -23.49 3.61 -8.56
C LEU A 538 -24.82 3.80 -7.83
N GLU A 539 -25.88 3.11 -8.24
CA GLU A 539 -27.11 3.13 -7.45
C GLU A 539 -26.88 2.53 -6.07
N LYS A 540 -26.23 1.35 -6.03
CA LYS A 540 -25.88 0.76 -4.74
C LYS A 540 -24.94 1.66 -3.95
N MET A 541 -23.94 2.23 -4.62
CA MET A 541 -22.97 3.08 -3.92
C MET A 541 -23.64 4.33 -3.36
N LYS A 542 -24.58 4.91 -4.10
CA LYS A 542 -25.28 6.09 -3.61
C LYS A 542 -26.02 5.79 -2.30
N LEU A 543 -26.57 4.57 -2.19
CA LEU A 543 -27.21 4.17 -0.93
C LEU A 543 -26.18 4.00 0.19
N ASN A 544 -24.99 3.48 -0.13
CA ASN A 544 -23.92 3.40 0.87
C ASN A 544 -23.59 4.79 1.42
N PHE A 545 -23.57 5.79 0.53
CA PHE A 545 -23.13 7.14 0.86
C PHE A 545 -24.21 7.97 1.54
N TYR A 546 -25.48 7.76 1.18
CA TYR A 546 -26.55 8.64 1.64
C TYR A 546 -27.66 7.96 2.43
N GLY A 547 -27.64 6.64 2.59
CA GLY A 547 -28.75 5.94 3.20
C GLY A 547 -28.69 5.89 4.71
N PHE A 548 -29.69 5.23 5.30
CA PHE A 548 -29.77 5.11 6.75
C PHE A 548 -28.50 4.48 7.33
N ASP A 549 -27.99 3.43 6.70
CA ASP A 549 -26.76 2.81 7.18
C ASP A 549 -25.60 3.79 6.95
N THR A 550 -24.91 4.14 8.03
CA THR A 550 -23.76 5.02 7.97
C THR A 550 -22.47 4.31 8.37
N SER A 551 -22.47 2.98 8.31
CA SER A 551 -21.28 2.25 8.75
C SER A 551 -20.06 2.63 7.93
N TYR A 552 -20.24 2.99 6.65
CA TYR A 552 -19.10 3.40 5.84
C TYR A 552 -18.46 4.68 6.40
N HIS A 553 -19.30 5.65 6.79
CA HIS A 553 -18.81 6.91 7.34
C HIS A 553 -18.14 6.71 8.69
N ILE A 554 -18.76 5.92 9.58
CA ILE A 554 -18.12 5.62 10.86
C ILE A 554 -16.79 4.92 10.64
N ALA A 555 -16.78 3.86 9.84
CA ALA A 555 -15.53 3.13 9.60
C ALA A 555 -14.49 4.06 9.01
N ARG A 556 -14.91 4.98 8.13
CA ARG A 556 -13.97 5.93 7.54
C ARG A 556 -13.37 6.84 8.61
N TYR A 557 -14.21 7.33 9.54
CA TYR A 557 -13.72 8.25 10.56
C TYR A 557 -12.62 7.61 11.40
N TYR A 558 -12.82 6.36 11.82
CA TYR A 558 -11.84 5.69 12.68
C TYR A 558 -10.56 5.40 11.91
N PHE A 559 -10.71 4.97 10.66
CA PHE A 559 -9.54 4.60 9.87
C PHE A 559 -8.64 5.80 9.62
N VAL A 560 -9.21 6.90 9.11
CA VAL A 560 -8.41 8.04 8.70
C VAL A 560 -7.78 8.77 9.89
N ARG A 561 -8.36 8.65 11.09
CA ARG A 561 -7.85 9.31 12.28
C ARG A 561 -7.09 8.35 13.19
N ARG A 562 -6.69 7.18 12.69
CA ARG A 562 -5.78 6.27 13.38
C ARG A 562 -6.33 5.83 14.75
N LYS A 563 -7.65 5.77 14.89
CA LYS A 563 -8.26 5.41 16.16
C LYS A 563 -8.00 3.94 16.49
N PRO A 564 -7.82 3.61 17.77
CA PRO A 564 -7.36 2.27 18.13
C PRO A 564 -8.46 1.22 17.98
N HIS A 565 -8.04 -0.04 17.92
CA HIS A 565 -8.99 -1.14 17.90
C HIS A 565 -9.50 -1.44 19.30
N PHE A 566 -10.80 -1.70 19.42
CA PHE A 566 -11.39 -2.12 20.67
C PHE A 566 -11.98 -3.53 20.60
N ARG A 567 -11.84 -4.20 19.47
CA ARG A 567 -12.34 -5.55 19.29
C ARG A 567 -11.63 -6.18 18.09
N THR A 568 -11.49 -7.51 18.12
CA THR A 568 -11.10 -8.21 16.91
C THR A 568 -12.33 -8.81 16.25
N PRO A 569 -12.68 -8.41 15.03
CA PRO A 569 -13.88 -8.95 14.39
C PRO A 569 -13.72 -10.43 14.10
N PRO A 570 -14.84 -11.17 13.96
CA PRO A 570 -14.74 -12.63 13.80
C PRO A 570 -14.15 -13.07 12.47
N TYR A 571 -14.15 -12.22 11.43
CA TYR A 571 -13.51 -12.65 10.18
C TYR A 571 -12.00 -12.81 10.36
N LEU A 572 -11.41 -12.06 11.29
CA LEU A 572 -10.01 -12.20 11.70
C LEU A 572 -9.82 -13.23 12.82
N ALA A 573 -10.65 -13.17 13.87
CA ALA A 573 -10.47 -14.03 15.05
C ALA A 573 -11.37 -15.25 14.90
N ILE A 574 -10.81 -16.32 14.33
CA ILE A 574 -11.48 -17.62 14.34
C ILE A 574 -11.97 -17.96 15.74
N HIS A 575 -11.09 -17.78 16.74
CA HIS A 575 -11.43 -18.08 18.14
C HIS A 575 -12.57 -17.23 18.71
N ARG A 576 -12.93 -16.13 18.08
CA ARG A 576 -14.05 -15.33 18.57
C ARG A 576 -15.33 -15.60 17.80
N ARG A 577 -15.45 -16.77 17.19
CA ARG A 577 -16.66 -17.17 16.48
C ARG A 577 -17.53 -18.06 17.37
N LEU A 578 -18.78 -18.21 16.95
CA LEU A 578 -19.79 -18.87 17.77
C LEU A 578 -19.59 -20.38 17.81
N LYS A 579 -19.41 -21.00 16.64
CA LYS A 579 -19.26 -22.46 16.56
C LYS A 579 -17.77 -22.77 16.58
N PHE A 580 -17.22 -22.74 17.79
CA PHE A 580 -15.78 -22.91 17.97
C PHE A 580 -15.52 -23.81 19.17
N SER A 581 -14.59 -24.75 19.00
CA SER A 581 -14.21 -25.66 20.06
C SER A 581 -12.75 -26.11 19.93
#